data_3TV9
#
_entry.id   3TV9
#
_cell.length_a   115.133
_cell.length_b   61.120
_cell.length_c   65.101
_cell.angle_alpha   90.00
_cell.angle_beta   90.00
_cell.angle_gamma   90.00
#
_symmetry.space_group_name_H-M   'P 21 21 2'
#
loop_
_entity.id
_entity.type
_entity.pdbx_description
1 polymer 'Putative peptide maturation protein'
2 non-polymer 'SULFATE ION'
3 non-polymer GLYCEROL
4 water water
#
_entity_poly.entity_id   1
_entity_poly.type   'polypeptide(L)'
_entity_poly.pdbx_seq_one_letter_code
;(MSE)HHHHHHSSGVDLGTENLYFQSNARKILEEAVSTALELASGKSDGAEVAVSKTTGISVSTRYGEVENVEFNSDGAL
GITVYHQNRKGSASSTDLSPQAIARTVQAALDIARYTSPDPCAGVADKELLAFDAPNLDLFHPAEVSPDEAIELAARAEQ
AALQADKRITNTEGGSFNSHYGVKVFGNSHG(MSE)LQGYCSTRHSLFSCVIAEENGD(MSE)ERDYAYTIGRA(MSE)S
DLQTPEWVGADCARRTLSRLSPRKLST(MSE)KAPVIFANEVATGLFGHLVGAIAGGSVYRKSTFLLDSLGKQILPDWLT
IEEHPHLLKGLASTPFDSEGVRTERRDIIKDGILTQWLLTSYSARKLGLKSTGHAGGIHNWRIAGQGLSFEQ(MSE)LKE
(MSE)GTGLVVTEL(MSE)GQGVSAITGDYSRGAAGFWVENGEIQYPVSEITIAGNLKD(MSE)WRNIVTVGNDIETRSN
IQCGSVLLPE(MSE)KI
;
_entity_poly.pdbx_strand_id   A
#
# COMPACT_ATOMS: atom_id res chain seq x y z
N PHE A 20 2.97 29.40 5.06
CA PHE A 20 3.31 29.44 3.63
C PHE A 20 3.19 28.01 3.04
N GLN A 21 3.16 27.02 3.92
CA GLN A 21 2.73 25.65 3.58
C GLN A 21 1.24 25.64 3.29
N SER A 22 0.57 26.76 3.57
CA SER A 22 -0.80 26.96 3.15
C SER A 22 -0.80 27.36 1.68
N ASN A 23 0.37 27.78 1.20
CA ASN A 23 0.62 28.03 -0.23
C ASN A 23 1.35 26.97 -1.04
N ALA A 24 1.65 25.82 -0.44
CA ALA A 24 2.46 24.80 -1.10
C ALA A 24 1.89 24.36 -2.46
N ARG A 25 0.57 24.32 -2.59
CA ARG A 25 -0.07 23.93 -3.84
C ARG A 25 0.25 24.91 -4.97
N LYS A 26 0.24 26.20 -4.68
CA LYS A 26 0.56 27.20 -5.69
C LYS A 26 2.05 27.25 -5.99
N ILE A 27 2.86 26.85 -5.02
CA ILE A 27 4.30 26.76 -5.24
C ILE A 27 4.64 25.61 -6.20
N LEU A 28 4.05 24.45 -5.93
CA LEU A 28 4.23 23.28 -6.78
C LEU A 28 3.61 23.46 -8.18
N GLU A 29 2.51 24.20 -8.30
CA GLU A 29 1.92 24.41 -9.63
C GLU A 29 2.88 25.21 -10.49
N GLU A 30 3.57 26.17 -9.90
CA GLU A 30 4.58 26.86 -10.67
C GLU A 30 5.70 25.92 -11.12
N ALA A 31 6.19 25.09 -10.21
CA ALA A 31 7.24 24.14 -10.55
C ALA A 31 6.82 23.27 -11.73
N VAL A 32 5.56 22.80 -11.73
CA VAL A 32 5.05 21.96 -12.81
C VAL A 32 4.95 22.73 -14.13
N SER A 33 4.26 23.87 -14.12
CA SER A 33 4.05 24.60 -15.36
C SER A 33 5.31 25.25 -15.92
N THR A 34 6.27 25.58 -15.06
CA THR A 34 7.56 26.06 -15.53
C THR A 34 8.29 24.93 -16.25
N ALA A 35 8.24 23.74 -15.68
CA ALA A 35 8.86 22.58 -16.28
C ALA A 35 8.26 22.32 -17.66
N LEU A 36 6.93 22.33 -17.74
CA LEU A 36 6.23 22.09 -19.00
C LEU A 36 6.59 23.17 -20.03
N GLU A 37 6.67 24.42 -19.62
CA GLU A 37 7.03 25.48 -20.57
C GLU A 37 8.42 25.25 -21.11
N LEU A 38 9.37 24.96 -20.22
CA LEU A 38 10.75 24.73 -20.62
C LEU A 38 10.86 23.62 -21.66
N ALA A 39 10.06 22.57 -21.46
CA ALA A 39 10.06 21.43 -22.34
C ALA A 39 9.22 21.61 -23.61
N SER A 40 8.29 22.57 -23.61
CA SER A 40 7.30 22.67 -24.70
C SER A 40 7.91 22.83 -26.08
N GLY A 41 8.96 23.63 -26.18
CA GLY A 41 9.55 23.93 -27.46
C GLY A 41 10.44 22.81 -27.97
N LYS A 42 11.01 22.04 -27.06
CA LYS A 42 11.93 20.98 -27.43
C LYS A 42 11.34 19.57 -27.52
N SER A 43 10.03 19.42 -27.34
CA SER A 43 9.44 18.09 -27.33
C SER A 43 8.03 18.05 -27.92
N ASP A 44 7.58 16.86 -28.29
CA ASP A 44 6.21 16.68 -28.79
C ASP A 44 5.20 16.65 -27.66
N GLY A 45 5.62 16.11 -26.51
CA GLY A 45 4.73 16.01 -25.37
C GLY A 45 5.56 15.82 -24.11
N ALA A 46 4.98 16.17 -22.97
CA ALA A 46 5.67 16.06 -21.70
C ALA A 46 4.67 15.83 -20.58
N GLU A 47 5.12 15.15 -19.52
CA GLU A 47 4.30 14.89 -18.33
C GLU A 47 5.18 15.20 -17.14
N VAL A 48 4.65 16.01 -16.22
CA VAL A 48 5.38 16.44 -15.05
C VAL A 48 4.58 16.14 -13.79
N ALA A 49 5.22 15.51 -12.80
CA ALA A 49 4.59 15.31 -11.51
C ALA A 49 5.46 15.88 -10.38
N VAL A 50 4.87 16.70 -9.50
CA VAL A 50 5.53 17.06 -8.24
C VAL A 50 4.76 16.64 -7.00
N SER A 51 5.48 16.16 -6.00
CA SER A 51 4.90 15.99 -4.68
C SER A 51 5.86 16.48 -3.61
N LYS A 52 5.31 17.04 -2.54
CA LYS A 52 6.12 17.39 -1.39
C LYS A 52 5.40 16.96 -0.10
N THR A 53 6.04 16.10 0.68
CA THR A 53 5.48 15.63 1.93
C THR A 53 6.29 16.13 3.13
N THR A 54 5.65 16.89 4.01
CA THR A 54 6.37 17.38 5.18
C THR A 54 5.64 17.11 6.51
N GLY A 55 6.39 17.09 7.61
CA GLY A 55 5.80 16.88 8.91
C GLY A 55 6.81 16.37 9.93
N ILE A 56 6.29 15.72 10.96
CA ILE A 56 7.06 15.48 12.17
C ILE A 56 7.16 14.00 12.50
N SER A 57 8.35 13.58 12.91
CA SER A 57 8.59 12.24 13.42
C SER A 57 9.07 12.32 14.84
N VAL A 58 8.36 11.66 15.75
CA VAL A 58 8.75 11.65 17.15
C VAL A 58 9.12 10.23 17.52
N SER A 59 10.20 10.07 18.29
CA SER A 59 10.58 8.74 18.76
C SER A 59 10.87 8.74 20.26
N THR A 60 10.17 7.90 20.99
CA THR A 60 10.39 7.84 22.42
C THR A 60 11.09 6.53 22.80
N ARG A 61 12.08 6.66 23.67
CA ARG A 61 12.73 5.50 24.26
C ARG A 61 12.62 5.68 25.75
N TYR A 62 11.96 4.74 26.40
CA TYR A 62 11.58 4.92 27.79
C TYR A 62 12.78 5.24 28.67
N GLY A 63 12.70 6.34 29.40
CA GLY A 63 13.81 6.81 30.22
C GLY A 63 14.95 7.43 29.45
N GLU A 64 14.65 7.99 28.29
CA GLU A 64 15.66 8.66 27.49
C GLU A 64 15.04 9.89 26.88
N VAL A 65 15.91 10.76 26.37
CA VAL A 65 15.44 11.91 25.61
C VAL A 65 14.82 11.42 24.31
N GLU A 66 13.60 11.87 24.07
CA GLU A 66 12.89 11.61 22.83
C GLU A 66 13.65 12.26 21.69
N ASN A 67 13.53 11.69 20.49
CA ASN A 67 14.05 12.35 19.30
C ASN A 67 12.91 12.90 18.47
N VAL A 68 13.03 14.17 18.08
CA VAL A 68 12.02 14.85 17.27
C VAL A 68 12.58 15.46 15.99
N GLU A 69 11.95 15.20 14.86
CA GLU A 69 12.44 15.71 13.60
C GLU A 69 11.35 16.32 12.76
N PHE A 70 11.75 17.31 11.96
CA PHE A 70 10.93 17.82 10.89
C PHE A 70 11.53 17.31 9.57
N ASN A 71 10.71 16.67 8.75
CA ASN A 71 11.19 16.10 7.49
C ASN A 71 10.41 16.67 6.33
N SER A 72 11.12 17.13 5.31
CA SER A 72 10.52 17.54 4.05
C SER A 72 11.14 16.66 2.99
N ASP A 73 10.34 15.80 2.39
CA ASP A 73 10.81 14.92 1.32
C ASP A 73 9.96 15.15 0.08
N GLY A 74 10.60 15.41 -1.05
CA GLY A 74 9.87 15.80 -2.24
C GLY A 74 10.51 15.32 -3.53
N ALA A 75 9.76 15.35 -4.62
CA ALA A 75 10.30 14.99 -5.92
C ALA A 75 9.57 15.70 -7.06
N LEU A 76 10.30 16.01 -8.12
CA LEU A 76 9.66 16.40 -9.36
C LEU A 76 10.08 15.35 -10.36
N GLY A 77 9.15 14.52 -10.84
CA GLY A 77 9.43 13.73 -12.02
C GLY A 77 9.01 14.38 -13.33
N ILE A 78 9.79 14.16 -14.40
CA ILE A 78 9.38 14.57 -15.74
C ILE A 78 9.63 13.51 -16.82
N THR A 79 8.63 13.29 -17.65
CA THR A 79 8.80 12.46 -18.83
C THR A 79 8.53 13.26 -20.08
N VAL A 80 9.49 13.19 -20.98
CA VAL A 80 9.52 13.99 -22.19
C VAL A 80 9.48 13.06 -23.42
N TYR A 81 8.76 13.47 -24.47
CA TYR A 81 8.62 12.63 -25.66
C TYR A 81 8.97 13.38 -26.93
N HIS A 82 9.95 12.87 -27.65
CA HIS A 82 10.42 13.52 -28.87
C HIS A 82 10.66 12.47 -29.92
N GLN A 83 9.99 12.59 -31.06
CA GLN A 83 10.14 11.63 -32.16
C GLN A 83 9.85 10.21 -31.66
N ASN A 84 8.92 10.13 -30.72
CA ASN A 84 8.57 8.91 -30.00
C ASN A 84 9.71 8.34 -29.18
N ARG A 85 10.68 9.19 -28.84
CA ARG A 85 11.78 8.81 -27.96
C ARG A 85 11.56 9.39 -26.57
N LYS A 86 11.65 8.55 -25.55
CA LYS A 86 11.30 8.94 -24.18
C LYS A 86 12.52 9.33 -23.36
N GLY A 87 12.58 10.59 -22.89
CA GLY A 87 13.47 10.94 -21.79
C GLY A 87 12.78 10.98 -20.44
N SER A 88 13.51 10.70 -19.38
CA SER A 88 12.93 10.74 -18.04
C SER A 88 13.95 11.30 -17.09
N ALA A 89 13.53 12.28 -16.28
CA ALA A 89 14.41 12.87 -15.28
C ALA A 89 13.60 13.18 -14.01
N SER A 90 14.27 13.14 -12.87
CA SER A 90 13.61 13.44 -11.60
C SER A 90 14.57 14.12 -10.65
N SER A 91 14.05 15.07 -9.89
CA SER A 91 14.86 15.84 -8.98
C SER A 91 14.15 16.01 -7.67
N THR A 92 14.89 15.80 -6.60
CA THR A 92 14.40 15.97 -5.25
C THR A 92 14.48 17.45 -4.83
N ASP A 93 15.33 18.21 -5.51
CA ASP A 93 15.54 19.63 -5.24
C ASP A 93 14.61 20.46 -6.15
N LEU A 94 13.75 21.28 -5.56
CA LEU A 94 12.74 22.01 -6.34
C LEU A 94 13.13 23.44 -6.72
N SER A 95 14.36 23.85 -6.43
CA SER A 95 14.82 25.18 -6.84
C SER A 95 14.71 25.37 -8.36
N PRO A 96 14.58 26.64 -8.80
CA PRO A 96 14.37 26.97 -10.22
C PRO A 96 15.44 26.40 -11.18
N GLN A 97 16.71 26.53 -10.80
CA GLN A 97 17.79 25.98 -11.62
C GLN A 97 17.81 24.46 -11.63
N ALA A 98 17.37 23.85 -10.53
CA ALA A 98 17.33 22.39 -10.42
C ALA A 98 16.27 21.81 -11.36
N ILE A 99 15.12 22.48 -11.44
CA ILE A 99 14.07 22.12 -12.36
C ILE A 99 14.51 22.31 -13.81
N ALA A 100 15.25 23.39 -14.06
CA ALA A 100 15.78 23.66 -15.39
C ALA A 100 16.72 22.53 -15.86
N ARG A 101 17.64 22.11 -14.98
CA ARG A 101 18.57 21.02 -15.30
C ARG A 101 17.89 19.68 -15.51
N THR A 102 16.89 19.40 -14.69
CA THR A 102 16.14 18.14 -14.78
C THR A 102 15.41 18.07 -16.11
N VAL A 103 14.74 19.16 -16.46
CA VAL A 103 14.07 19.24 -17.75
C VAL A 103 15.09 19.08 -18.87
N GLN A 104 16.24 19.72 -18.74
CA GLN A 104 17.26 19.62 -19.77
C GLN A 104 17.81 18.20 -19.90
N ALA A 105 17.80 17.50 -18.77
CA ALA A 105 18.36 16.17 -18.73
C ALA A 105 17.41 15.19 -19.41
N ALA A 106 16.11 15.40 -19.24
CA ALA A 106 15.15 14.54 -19.89
C ALA A 106 15.25 14.71 -21.39
N LEU A 107 15.30 15.97 -21.83
CA LEU A 107 15.37 16.30 -23.25
C LEU A 107 16.58 15.68 -23.91
N ASP A 108 17.74 15.80 -23.26
CA ASP A 108 18.97 15.21 -23.79
C ASP A 108 18.90 13.69 -23.84
N ILE A 109 18.39 13.07 -22.78
CA ILE A 109 18.27 11.62 -22.74
C ILE A 109 17.42 11.12 -23.90
N ALA A 110 16.34 11.85 -24.18
CA ALA A 110 15.47 11.49 -25.28
C ALA A 110 16.18 11.55 -26.63
N ARG A 111 17.36 12.16 -26.72
CA ARG A 111 18.14 12.10 -27.96
C ARG A 111 18.92 10.78 -28.10
N TYR A 112 19.15 10.11 -26.98
CA TYR A 112 19.91 8.84 -26.98
C TYR A 112 19.09 7.54 -26.97
N THR A 113 17.77 7.63 -27.01
CA THR A 113 16.95 6.46 -26.74
C THR A 113 16.18 6.00 -27.97
N SER A 114 15.80 4.73 -27.98
CA SER A 114 15.08 4.15 -29.10
C SER A 114 13.64 4.57 -29.13
N PRO A 115 13.14 4.97 -30.29
CA PRO A 115 11.73 5.34 -30.46
C PRO A 115 10.80 4.17 -30.16
N ASP A 116 9.68 4.51 -29.55
CA ASP A 116 8.67 3.58 -29.11
C ASP A 116 7.29 4.09 -29.47
N PRO A 117 6.75 3.67 -30.60
CA PRO A 117 5.42 4.16 -31.02
C PRO A 117 4.34 3.90 -29.97
N CYS A 118 4.58 3.04 -29.00
CA CYS A 118 3.65 2.84 -27.89
C CYS A 118 3.82 3.90 -26.77
N ALA A 119 4.83 4.75 -26.87
CA ALA A 119 5.13 5.71 -25.82
C ALA A 119 4.55 7.10 -26.08
N GLY A 120 3.97 7.71 -25.05
CA GLY A 120 3.52 9.08 -25.13
C GLY A 120 2.70 9.53 -23.93
N VAL A 121 2.19 10.74 -24.04
CA VAL A 121 1.31 11.30 -23.04
C VAL A 121 0.01 10.48 -23.02
N ALA A 122 -0.64 10.39 -21.86
CA ALA A 122 -1.93 9.71 -21.76
C ALA A 122 -2.98 10.31 -22.69
N ASP A 123 -3.92 9.48 -23.16
CA ASP A 123 -4.97 9.93 -24.07
C ASP A 123 -5.74 11.06 -23.43
N LYS A 124 -5.85 12.16 -24.17
CA LYS A 124 -6.53 13.37 -23.70
C LYS A 124 -7.91 13.07 -23.09
N GLU A 125 -8.68 12.21 -23.74
CA GLU A 125 -10.03 11.90 -23.28
C GLU A 125 -10.07 11.18 -21.93
N LEU A 126 -8.95 10.59 -21.50
CA LEU A 126 -8.96 9.89 -20.22
C LEU A 126 -8.42 10.69 -19.02
N LEU A 127 -7.91 11.91 -19.26
CA LEU A 127 -7.28 12.70 -18.19
C LEU A 127 -8.32 13.34 -17.30
N ALA A 128 -8.02 13.51 -16.01
CA ALA A 128 -9.00 14.17 -15.17
C ALA A 128 -8.66 15.64 -15.17
N PHE A 129 -9.44 16.41 -15.93
CA PHE A 129 -9.09 17.81 -16.14
C PHE A 129 -9.61 18.54 -14.94
N ASP A 130 -10.81 18.15 -14.53
CA ASP A 130 -11.36 18.63 -13.28
C ASP A 130 -11.44 17.42 -12.33
N ALA A 131 -10.53 17.40 -11.39
CA ALA A 131 -10.38 16.23 -10.51
C ALA A 131 -11.24 16.39 -9.26
N PRO A 132 -11.89 15.30 -8.84
CA PRO A 132 -12.80 15.36 -7.68
C PRO A 132 -12.06 15.69 -6.37
N ASN A 133 -12.77 16.30 -5.42
CA ASN A 133 -12.23 16.52 -4.08
C ASN A 133 -12.49 15.27 -3.25
N LEU A 134 -11.43 14.61 -2.81
CA LEU A 134 -11.57 13.35 -2.07
C LEU A 134 -11.45 13.47 -0.55
N ASP A 135 -11.27 14.71 -0.08
CA ASP A 135 -11.26 15.03 1.34
C ASP A 135 -10.15 14.29 2.08
N LEU A 136 -8.95 14.34 1.53
CA LEU A 136 -7.84 13.58 2.07
C LEU A 136 -7.05 14.35 3.11
N PHE A 137 -7.42 15.61 3.30
CA PHE A 137 -6.58 16.54 4.06
C PHE A 137 -7.16 16.86 5.43
N HIS A 138 -6.48 16.40 6.48
CA HIS A 138 -6.92 16.62 7.87
C HIS A 138 -5.74 16.86 8.79
N PRO A 139 -5.17 18.08 8.72
CA PRO A 139 -3.97 18.45 9.46
C PRO A 139 -4.20 18.23 10.94
N ALA A 140 -3.23 17.63 11.61
CA ALA A 140 -3.34 17.43 13.05
C ALA A 140 -3.20 18.79 13.74
N GLU A 141 -4.04 19.09 14.72
CA GLU A 141 -3.69 20.23 15.53
C GLU A 141 -3.10 19.57 16.77
N VAL A 142 -1.78 19.47 16.78
CA VAL A 142 -1.07 18.90 17.91
C VAL A 142 0.20 19.69 18.17
N SER A 143 0.51 19.91 19.44
CA SER A 143 1.79 20.47 19.82
C SER A 143 2.87 19.43 19.59
N PRO A 144 4.09 19.87 19.33
CA PRO A 144 5.21 18.93 19.21
C PRO A 144 5.37 18.20 20.54
N ASP A 145 5.19 18.95 21.62
CA ASP A 145 5.19 18.36 22.95
C ASP A 145 4.04 17.37 23.13
N GLU A 146 2.87 17.71 22.58
CA GLU A 146 1.72 16.82 22.64
C GLU A 146 1.98 15.50 21.90
N ALA A 147 2.67 15.61 20.77
CA ALA A 147 3.02 14.43 19.98
C ALA A 147 4.02 13.52 20.71
N ILE A 148 4.93 14.11 21.48
CA ILE A 148 5.90 13.34 22.25
C ILE A 148 5.22 12.53 23.35
N GLU A 149 4.17 13.11 23.91
CA GLU A 149 3.38 12.46 24.95
C GLU A 149 2.56 11.29 24.37
N LEU A 150 2.08 11.44 23.14
CA LEU A 150 1.37 10.36 22.47
C LEU A 150 2.30 9.16 22.32
N ALA A 151 3.44 9.39 21.69
CA ALA A 151 4.43 8.34 21.51
C ALA A 151 4.85 7.71 22.83
N ALA A 152 5.16 8.55 23.82
CA ALA A 152 5.59 8.04 25.12
C ALA A 152 4.50 7.25 25.82
N ARG A 153 3.26 7.72 25.71
CA ARG A 153 2.12 7.03 26.34
C ARG A 153 1.92 5.62 25.76
N ALA A 154 2.05 5.49 24.45
CA ALA A 154 1.91 4.19 23.81
C ALA A 154 2.95 3.21 24.34
N GLU A 155 4.19 3.66 24.41
CA GLU A 155 5.30 2.85 24.88
C GLU A 155 5.10 2.43 26.35
N GLN A 156 4.54 3.32 27.14
CA GLN A 156 4.36 3.07 28.56
C GLN A 156 3.26 2.04 28.80
N ALA A 157 2.14 2.18 28.09
CA ALA A 157 1.05 1.22 28.14
C ALA A 157 1.56 -0.19 27.90
N ALA A 158 2.48 -0.34 26.95
CA ALA A 158 2.99 -1.66 26.60
C ALA A 158 3.91 -2.19 27.69
N LEU A 159 4.87 -1.36 28.11
CA LEU A 159 5.83 -1.74 29.14
C LEU A 159 5.19 -2.10 30.48
N GLN A 160 4.07 -1.45 30.79
CA GLN A 160 3.37 -1.68 32.06
C GLN A 160 2.53 -2.95 32.11
N ALA A 161 2.04 -3.40 30.96
CA ALA A 161 1.05 -4.47 30.90
C ALA A 161 1.45 -5.80 31.52
N ASP A 162 2.75 -6.11 31.50
CA ASP A 162 3.18 -7.42 32.00
C ASP A 162 4.62 -7.36 32.48
N LYS A 163 4.92 -8.15 33.51
CA LYS A 163 6.26 -8.22 34.09
C LYS A 163 7.23 -8.78 33.06
N ARG A 164 6.71 -9.68 32.23
CA ARG A 164 7.53 -10.35 31.25
C ARG A 164 8.07 -9.47 30.13
N ILE A 165 7.63 -8.22 30.06
CA ILE A 165 8.15 -7.35 29.01
C ILE A 165 9.35 -6.61 29.59
N THR A 166 10.53 -7.00 29.13
CA THR A 166 11.79 -6.48 29.66
C THR A 166 12.49 -5.38 28.88
N ASN A 167 11.97 -5.03 27.71
CA ASN A 167 12.71 -4.15 26.82
C ASN A 167 11.78 -3.35 25.93
N THR A 168 12.25 -2.20 25.48
CA THR A 168 11.49 -1.35 24.57
C THR A 168 12.30 -1.05 23.32
N GLU A 169 11.66 -1.14 22.15
CA GLU A 169 12.27 -0.58 20.96
C GLU A 169 11.67 0.79 20.69
N GLY A 170 10.80 1.21 21.60
CA GLY A 170 10.32 2.58 21.61
C GLY A 170 8.89 2.77 21.17
N GLY A 171 8.35 3.96 21.41
CA GLY A 171 7.09 4.34 20.80
C GLY A 171 7.37 5.33 19.67
N SER A 172 6.37 5.59 18.84
CA SER A 172 6.56 6.67 17.86
C SER A 172 5.28 7.31 17.35
N PHE A 173 5.42 8.55 16.90
CA PHE A 173 4.33 9.30 16.32
C PHE A 173 4.77 9.98 15.04
N ASN A 174 3.92 9.92 14.02
CA ASN A 174 4.19 10.60 12.76
C ASN A 174 2.97 11.33 12.26
N SER A 175 3.18 12.55 11.80
CA SER A 175 2.10 13.32 11.17
C SER A 175 2.66 14.05 9.96
N HIS A 176 2.06 13.84 8.79
CA HIS A 176 2.57 14.45 7.57
C HIS A 176 1.42 14.95 6.68
N TYR A 177 1.64 16.07 6.01
CA TYR A 177 0.71 16.56 5.01
C TYR A 177 1.49 16.52 3.69
N GLY A 178 0.94 15.82 2.69
CA GLY A 178 1.49 15.87 1.34
C GLY A 178 0.74 16.78 0.38
N VAL A 179 1.44 17.21 -0.67
CA VAL A 179 0.86 18.01 -1.73
C VAL A 179 1.34 17.41 -3.03
N LYS A 180 0.40 17.12 -3.92
CA LYS A 180 0.72 16.46 -5.17
C LYS A 180 0.14 17.31 -6.30
N VAL A 181 0.93 17.51 -7.37
CA VAL A 181 0.46 18.23 -8.56
C VAL A 181 0.94 17.50 -9.79
N PHE A 182 0.04 17.32 -10.75
CA PHE A 182 0.37 16.71 -12.00
C PHE A 182 0.02 17.64 -13.13
N GLY A 183 0.83 17.63 -14.18
CA GLY A 183 0.48 18.37 -15.37
C GLY A 183 1.09 17.73 -16.60
N ASN A 184 0.44 17.94 -17.74
CA ASN A 184 0.94 17.39 -18.97
C ASN A 184 0.64 18.36 -20.10
N SER A 185 1.26 18.12 -21.24
CA SER A 185 1.18 19.05 -22.35
C SER A 185 -0.20 19.02 -23.04
N HIS A 186 -1.08 18.10 -22.66
CA HIS A 186 -2.48 18.20 -23.07
C HIS A 186 -3.23 19.34 -22.36
N GLY A 187 -2.57 20.00 -21.41
CA GLY A 187 -3.16 21.13 -20.72
C GLY A 187 -3.78 20.75 -19.39
N LEU A 189 -3.65 20.61 -15.57
CA LEU A 189 -2.95 20.94 -14.36
C LEU A 189 -3.89 20.76 -13.18
N GLN A 190 -3.57 19.82 -12.30
CA GLN A 190 -4.44 19.53 -11.18
C GLN A 190 -3.56 19.12 -10.03
N GLY A 191 -4.01 19.43 -8.82
CA GLY A 191 -3.25 19.13 -7.63
C GLY A 191 -4.15 18.92 -6.43
N TYR A 192 -3.62 18.28 -5.40
CA TYR A 192 -4.41 18.06 -4.20
C TYR A 192 -3.56 17.86 -2.95
N CYS A 193 -4.19 17.94 -1.80
CA CYS A 193 -3.49 17.84 -0.52
C CYS A 193 -3.94 16.61 0.27
N SER A 194 -3.06 16.05 1.09
CA SER A 194 -3.44 14.92 1.91
C SER A 194 -2.73 14.91 3.26
N THR A 195 -3.29 14.21 4.24
CA THR A 195 -2.64 14.06 5.53
C THR A 195 -2.61 12.60 5.93
N ARG A 196 -1.57 12.22 6.66
CA ARG A 196 -1.46 10.89 7.24
C ARG A 196 -0.81 10.98 8.62
N HIS A 197 -1.44 10.33 9.60
CA HIS A 197 -0.93 10.34 10.97
C HIS A 197 -0.80 8.92 11.43
N SER A 198 0.20 8.65 12.24
CA SER A 198 0.30 7.33 12.83
C SER A 198 0.95 7.33 14.21
N LEU A 199 0.66 6.27 14.96
CA LEU A 199 1.17 6.10 16.31
C LEU A 199 1.58 4.65 16.50
N PHE A 200 2.80 4.40 16.98
CA PHE A 200 3.24 3.01 17.16
C PHE A 200 4.06 2.74 18.43
N SER A 201 4.17 1.46 18.80
CA SER A 201 5.12 1.05 19.84
C SER A 201 5.66 -0.36 19.61
N CYS A 202 6.87 -0.60 20.10
CA CYS A 202 7.53 -1.89 19.90
C CYS A 202 8.27 -2.25 21.19
N VAL A 203 8.01 -3.44 21.72
CA VAL A 203 8.66 -3.93 22.94
C VAL A 203 9.17 -5.38 22.80
N ILE A 204 9.96 -5.79 23.78
CA ILE A 204 10.52 -7.14 23.81
C ILE A 204 10.11 -7.86 25.09
N ALA A 205 9.56 -9.07 24.95
CA ALA A 205 9.16 -9.87 26.08
C ALA A 205 10.07 -11.09 26.21
N GLU A 206 10.22 -11.57 27.45
CA GLU A 206 11.16 -12.63 27.75
C GLU A 206 10.51 -13.70 28.64
N GLU A 207 10.94 -14.95 28.50
CA GLU A 207 10.41 -16.04 29.32
C GLU A 207 11.54 -16.72 30.09
N ASP A 210 13.73 -17.64 26.50
CA ASP A 210 13.51 -17.31 25.09
C ASP A 210 12.93 -15.90 24.94
N GLU A 212 10.98 -12.66 22.44
CA GLU A 212 10.16 -12.22 21.33
C GLU A 212 9.96 -10.71 21.30
N ARG A 213 9.74 -10.19 20.09
CA ARG A 213 9.47 -8.77 19.86
C ARG A 213 8.34 -8.58 18.86
N ASP A 214 7.39 -7.72 19.21
CA ASP A 214 6.31 -7.39 18.30
C ASP A 214 5.88 -5.93 18.47
N TYR A 215 5.14 -5.42 17.50
CA TYR A 215 4.81 -4.01 17.42
C TYR A 215 3.29 -3.89 17.37
N ALA A 216 2.78 -2.68 17.60
CA ALA A 216 1.39 -2.38 17.27
C ALA A 216 1.30 -0.94 16.76
N TYR A 217 0.23 -0.63 16.05
CA TYR A 217 0.12 0.69 15.43
C TYR A 217 -1.31 1.09 15.14
N THR A 218 -1.52 2.36 14.85
CA THR A 218 -2.79 2.82 14.35
C THR A 218 -2.49 3.90 13.31
N ILE A 219 -3.38 4.08 12.35
CA ILE A 219 -3.10 4.97 11.22
C ILE A 219 -4.37 5.59 10.64
N GLY A 220 -4.27 6.78 10.08
CA GLY A 220 -5.42 7.44 9.52
C GLY A 220 -5.08 8.81 8.96
N ARG A 221 -6.00 9.35 8.15
CA ARG A 221 -5.86 10.68 7.56
C ARG A 221 -6.24 11.81 8.52
N ALA A 222 -7.02 11.48 9.56
CA ALA A 222 -7.39 12.46 10.56
C ALA A 222 -7.02 11.90 11.91
N SER A 224 -8.69 12.02 14.55
CA SER A 224 -9.85 11.33 15.13
C SER A 224 -9.99 9.87 14.67
N ASP A 225 -9.24 9.47 13.65
CA ASP A 225 -9.31 8.08 13.17
C ASP A 225 -8.35 7.20 13.95
N LEU A 226 -7.44 7.81 14.71
CA LEU A 226 -6.40 7.04 15.39
C LEU A 226 -6.91 6.44 16.71
N GLN A 227 -6.43 5.25 17.07
CA GLN A 227 -6.68 4.68 18.39
C GLN A 227 -5.85 5.41 19.43
N THR A 228 -6.25 5.31 20.68
CA THR A 228 -5.49 5.91 21.78
C THR A 228 -4.15 5.24 21.95
N PRO A 229 -3.19 5.99 22.51
CA PRO A 229 -1.89 5.43 22.92
C PRO A 229 -2.06 4.19 23.76
N GLU A 230 -3.08 4.19 24.60
CA GLU A 230 -3.28 3.11 25.55
C GLU A 230 -3.71 1.86 24.80
N TRP A 231 -4.46 2.04 23.73
CA TRP A 231 -4.88 0.91 22.92
C TRP A 231 -3.67 0.26 22.22
N VAL A 232 -2.80 1.10 21.68
CA VAL A 232 -1.61 0.65 20.98
C VAL A 232 -0.65 -0.10 21.89
N GLY A 233 -0.44 0.41 23.09
CA GLY A 233 0.46 -0.25 24.01
C GLY A 233 -0.08 -1.60 24.41
N ALA A 234 -1.35 -1.62 24.81
CA ALA A 234 -2.01 -2.85 25.23
C ALA A 234 -1.96 -3.91 24.12
N ASP A 235 -2.20 -3.49 22.88
CA ASP A 235 -2.22 -4.39 21.74
C ASP A 235 -0.82 -4.90 21.49
N CYS A 236 0.15 -4.00 21.67
CA CYS A 236 1.55 -4.31 21.49
C CYS A 236 2.03 -5.35 22.51
N ALA A 237 1.49 -5.26 23.72
CA ALA A 237 1.83 -6.19 24.77
C ALA A 237 1.16 -7.54 24.51
N ARG A 238 -0.10 -7.49 24.11
CA ARG A 238 -0.86 -8.70 23.85
C ARG A 238 -0.20 -9.58 22.77
N ARG A 239 0.25 -8.93 21.70
CA ARG A 239 0.91 -9.62 20.59
C ARG A 239 2.24 -10.24 20.96
N THR A 240 3.07 -9.46 21.64
CA THR A 240 4.42 -9.87 21.97
C THR A 240 4.38 -11.01 22.98
N LEU A 241 3.44 -10.92 23.92
CA LEU A 241 3.30 -11.93 24.96
C LEU A 241 2.75 -13.20 24.39
N SER A 242 1.89 -13.06 23.38
CA SER A 242 1.29 -14.22 22.71
C SER A 242 2.32 -15.05 21.96
N ARG A 243 3.45 -14.45 21.60
CA ARG A 243 4.44 -15.13 20.77
C ARG A 243 5.47 -15.90 21.57
N LEU A 244 5.41 -15.74 22.89
CA LEU A 244 6.41 -16.32 23.78
C LEU A 244 6.38 -17.85 23.74
N SER A 245 7.56 -18.44 23.75
CA SER A 245 7.77 -19.89 23.85
C SER A 245 7.07 -20.74 22.77
N PRO A 246 7.35 -20.44 21.49
CA PRO A 246 6.62 -21.10 20.42
C PRO A 246 7.08 -22.55 20.20
N ARG A 247 6.15 -23.42 19.82
CA ARG A 247 6.46 -24.81 19.55
C ARG A 247 6.59 -25.04 18.05
N LYS A 248 6.95 -26.26 17.69
CA LYS A 248 7.13 -26.63 16.29
C LYS A 248 6.15 -27.76 15.96
N LEU A 249 5.68 -27.77 14.72
CA LEU A 249 4.76 -28.80 14.28
C LEU A 249 5.55 -29.80 13.45
N SER A 250 5.17 -31.07 13.49
CA SER A 250 5.63 -32.00 12.48
C SER A 250 4.91 -31.70 11.18
N THR A 251 5.47 -32.16 10.06
CA THR A 251 4.80 -32.03 8.77
C THR A 251 3.50 -32.83 8.83
N LYS A 253 -1.08 -32.66 7.40
CA LYS A 253 -2.17 -32.00 6.68
C LYS A 253 -3.02 -31.16 7.63
N ALA A 254 -3.19 -29.87 7.33
CA ALA A 254 -4.09 -29.04 8.16
C ALA A 254 -4.80 -27.95 7.36
N PRO A 255 -6.02 -27.60 7.75
CA PRO A 255 -6.57 -26.35 7.19
C PRO A 255 -5.81 -25.16 7.78
N VAL A 256 -5.87 -24.01 7.10
CA VAL A 256 -5.02 -22.88 7.46
C VAL A 256 -5.81 -21.59 7.38
N ILE A 257 -5.73 -20.78 8.43
CA ILE A 257 -6.27 -19.44 8.35
C ILE A 257 -5.15 -18.43 8.13
N PHE A 258 -5.34 -17.56 7.16
CA PHE A 258 -4.50 -16.39 7.10
C PHE A 258 -5.22 -15.32 7.91
N ALA A 259 -4.61 -14.91 9.02
CA ALA A 259 -5.14 -13.79 9.81
C ALA A 259 -5.24 -12.57 8.92
N ASN A 260 -6.23 -11.72 9.18
CA ASN A 260 -6.54 -10.61 8.29
C ASN A 260 -5.30 -9.83 7.84
N GLU A 261 -4.37 -9.61 8.76
CA GLU A 261 -3.16 -8.83 8.49
C GLU A 261 -2.28 -9.44 7.39
N VAL A 262 -2.18 -10.76 7.33
CA VAL A 262 -1.49 -11.39 6.21
C VAL A 262 -2.42 -11.80 5.07
N ALA A 263 -3.72 -11.75 5.30
CA ALA A 263 -4.67 -12.14 4.26
C ALA A 263 -4.67 -11.10 3.14
N THR A 264 -4.55 -9.83 3.51
CA THR A 264 -4.52 -8.76 2.55
C THR A 264 -3.39 -9.00 1.55
N GLY A 265 -2.24 -9.43 2.05
CA GLY A 265 -1.07 -9.61 1.20
C GLY A 265 -1.30 -10.76 0.26
N LEU A 266 -2.15 -11.69 0.69
CA LEU A 266 -2.42 -12.87 -0.10
C LEU A 266 -3.18 -12.46 -1.34
N PHE A 267 -4.12 -11.52 -1.19
CA PHE A 267 -4.82 -11.03 -2.36
C PHE A 267 -3.94 -10.03 -3.09
N GLY A 268 -3.00 -9.43 -2.37
CA GLY A 268 -2.03 -8.51 -2.97
C GLY A 268 -1.20 -9.10 -4.11
N HIS A 269 -1.00 -10.42 -4.09
CA HIS A 269 -0.21 -11.08 -5.12
C HIS A 269 -0.92 -10.99 -6.47
N LEU A 270 -2.23 -10.89 -6.41
CA LEU A 270 -3.02 -10.77 -7.61
C LEU A 270 -2.61 -9.55 -8.46
N VAL A 271 -2.24 -8.46 -7.79
CA VAL A 271 -1.91 -7.21 -8.47
C VAL A 271 -0.83 -7.41 -9.52
N GLY A 272 0.19 -8.18 -9.16
CA GLY A 272 1.31 -8.43 -10.03
C GLY A 272 0.93 -9.35 -11.17
N ALA A 273 0.03 -10.28 -10.90
CA ALA A 273 -0.38 -11.28 -11.88
C ALA A 273 -1.34 -10.74 -12.94
N ILE A 274 -2.13 -9.73 -12.60
CA ILE A 274 -3.01 -9.09 -13.56
C ILE A 274 -2.48 -7.77 -14.15
N ALA A 275 -1.27 -7.39 -13.77
CA ALA A 275 -0.64 -6.16 -14.26
C ALA A 275 -0.52 -6.20 -15.78
N GLY A 276 -0.94 -5.13 -16.45
CA GLY A 276 -0.87 -5.06 -17.90
C GLY A 276 0.53 -5.32 -18.43
N GLY A 277 1.54 -4.82 -17.72
CA GLY A 277 2.93 -4.98 -18.13
C GLY A 277 3.32 -6.43 -18.30
N SER A 278 3.02 -7.26 -17.31
CA SER A 278 3.42 -8.65 -17.38
C SER A 278 2.52 -9.46 -18.32
N VAL A 279 1.33 -8.96 -18.60
CA VAL A 279 0.47 -9.60 -19.58
C VAL A 279 1.09 -9.53 -20.99
N TYR A 280 1.41 -8.32 -21.45
CA TYR A 280 2.00 -8.22 -22.78
C TYR A 280 3.39 -8.86 -22.84
N ARG A 281 4.01 -9.04 -21.68
CA ARG A 281 5.28 -9.76 -21.61
C ARG A 281 5.07 -11.26 -21.50
N LYS A 282 3.81 -11.68 -21.43
CA LYS A 282 3.44 -13.09 -21.32
C LYS A 282 4.05 -13.77 -20.08
N SER A 283 4.36 -12.97 -19.07
CA SER A 283 5.05 -13.44 -17.88
C SER A 283 4.18 -13.76 -16.62
N THR A 284 2.86 -13.71 -16.72
CA THR A 284 2.01 -14.07 -15.61
C THR A 284 1.27 -15.41 -15.78
N PHE A 285 1.16 -16.19 -14.70
CA PHE A 285 0.38 -17.44 -14.71
C PHE A 285 -1.12 -17.21 -14.90
N LEU A 286 -1.55 -15.96 -14.84
CA LEU A 286 -2.94 -15.62 -15.10
C LEU A 286 -3.23 -15.19 -16.55
N LEU A 287 -2.21 -15.26 -17.40
CA LEU A 287 -2.32 -14.75 -18.78
C LEU A 287 -3.60 -15.17 -19.52
N ASP A 288 -4.01 -16.42 -19.35
CA ASP A 288 -5.18 -16.93 -20.04
C ASP A 288 -6.46 -16.82 -19.22
N SER A 289 -6.39 -16.20 -18.04
CA SER A 289 -7.48 -16.28 -17.06
C SER A 289 -8.52 -15.14 -17.10
N LEU A 290 -8.31 -14.15 -17.97
CA LEU A 290 -9.21 -13.01 -18.04
C LEU A 290 -10.62 -13.44 -18.44
N GLY A 291 -11.61 -13.04 -17.64
CA GLY A 291 -12.97 -13.46 -17.88
C GLY A 291 -13.26 -14.84 -17.33
N LYS A 292 -12.32 -15.43 -16.60
CA LYS A 292 -12.50 -16.77 -16.07
C LYS A 292 -12.51 -16.77 -14.53
N GLN A 293 -13.07 -17.81 -13.92
CA GLN A 293 -13.20 -17.80 -12.46
C GLN A 293 -11.88 -18.26 -11.85
N ILE A 294 -11.19 -17.34 -11.16
CA ILE A 294 -10.01 -17.72 -10.40
C ILE A 294 -10.18 -17.83 -8.90
N LEU A 295 -11.38 -17.48 -8.42
CA LEU A 295 -11.68 -17.37 -7.01
C LEU A 295 -13.09 -17.90 -6.80
N PRO A 296 -13.45 -18.24 -5.55
CA PRO A 296 -14.81 -18.73 -5.28
C PRO A 296 -15.90 -17.79 -5.79
N ASP A 297 -17.07 -18.35 -6.08
CA ASP A 297 -18.10 -17.59 -6.79
C ASP A 297 -18.84 -16.57 -5.95
N TRP A 298 -18.61 -16.58 -4.64
CA TRP A 298 -19.22 -15.60 -3.75
C TRP A 298 -18.30 -14.40 -3.45
N LEU A 299 -17.08 -14.45 -3.96
CA LEU A 299 -16.08 -13.44 -3.58
C LEU A 299 -15.89 -12.38 -4.66
N THR A 300 -15.96 -11.13 -4.23
CA THR A 300 -15.88 -9.99 -5.10
C THR A 300 -14.85 -9.01 -4.55
N ILE A 301 -13.89 -8.61 -5.37
CA ILE A 301 -12.92 -7.61 -4.97
C ILE A 301 -13.31 -6.29 -5.59
N GLU A 302 -13.70 -5.34 -4.76
CA GLU A 302 -14.19 -4.04 -5.20
C GLU A 302 -13.07 -3.01 -5.08
N GLU A 303 -12.95 -2.14 -6.07
CA GLU A 303 -12.01 -1.03 -6.00
C GLU A 303 -12.77 0.30 -5.92
N HIS A 304 -12.46 1.07 -4.88
CA HIS A 304 -13.12 2.34 -4.59
C HIS A 304 -12.06 3.43 -4.51
N PRO A 305 -11.59 3.90 -5.66
CA PRO A 305 -10.51 4.88 -5.70
C PRO A 305 -10.94 6.26 -5.21
N HIS A 306 -12.26 6.47 -5.20
CA HIS A 306 -12.86 7.74 -4.80
C HIS A 306 -13.35 7.88 -3.36
N LEU A 307 -13.06 6.89 -2.53
CA LEU A 307 -13.46 6.89 -1.14
C LEU A 307 -13.03 8.15 -0.38
N LEU A 308 -13.97 8.84 0.26
CA LEU A 308 -13.61 9.99 1.08
C LEU A 308 -12.66 9.57 2.22
N LYS A 309 -11.56 10.31 2.33
CA LYS A 309 -10.48 10.08 3.30
C LYS A 309 -9.82 8.71 3.23
N GLY A 310 -9.95 8.02 2.11
CA GLY A 310 -9.40 6.67 1.99
C GLY A 310 -7.88 6.64 2.08
N LEU A 311 -7.32 5.59 2.67
CA LEU A 311 -5.87 5.48 2.76
C LEU A 311 -5.18 5.50 1.38
N ALA A 312 -5.72 4.71 0.45
CA ALA A 312 -5.30 4.67 -0.97
C ALA A 312 -6.13 5.48 -1.99
N SER A 313 -7.08 6.28 -1.54
CA SER A 313 -7.90 7.08 -2.47
C SER A 313 -7.07 7.95 -3.42
N THR A 314 -7.39 7.99 -4.70
CA THR A 314 -6.77 9.03 -5.52
C THR A 314 -7.64 9.71 -6.59
N PRO A 315 -7.50 11.05 -6.72
CA PRO A 315 -8.23 11.87 -7.69
C PRO A 315 -7.89 11.51 -9.13
N PHE A 316 -6.71 10.92 -9.34
CA PHE A 316 -6.14 10.58 -10.65
C PHE A 316 -4.84 9.83 -10.45
N ASP A 317 -4.37 9.13 -11.48
CA ASP A 317 -3.20 8.26 -11.31
C ASP A 317 -1.93 8.98 -11.72
N SER A 318 -0.80 8.28 -11.67
CA SER A 318 0.51 8.89 -11.94
C SER A 318 0.64 9.46 -13.33
N GLU A 319 -0.26 9.08 -14.24
CA GLU A 319 -0.35 9.69 -15.57
C GLU A 319 -1.40 10.77 -15.74
N GLY A 320 -2.11 11.10 -14.67
CA GLY A 320 -3.23 12.02 -14.75
C GLY A 320 -4.53 11.41 -15.27
N VAL A 321 -4.56 10.08 -15.42
CA VAL A 321 -5.75 9.41 -15.92
C VAL A 321 -6.82 9.31 -14.83
N ARG A 322 -8.08 9.54 -15.22
CA ARG A 322 -9.22 9.42 -14.32
C ARG A 322 -9.28 8.05 -13.70
N THR A 323 -9.73 8.02 -12.47
CA THR A 323 -9.64 6.79 -11.72
C THR A 323 -11.08 6.26 -11.47
N GLU A 324 -11.24 4.94 -11.47
CA GLU A 324 -12.56 4.37 -11.69
C GLU A 324 -13.07 3.33 -10.67
N ARG A 325 -14.33 3.44 -10.30
CA ARG A 325 -14.97 2.46 -9.43
C ARG A 325 -15.29 1.20 -10.20
N ARG A 326 -14.72 0.07 -9.76
CA ARG A 326 -14.80 -1.20 -10.49
C ARG A 326 -14.72 -2.40 -9.58
N ASP A 327 -15.38 -3.51 -9.95
CA ASP A 327 -15.09 -4.75 -9.27
C ASP A 327 -14.04 -5.50 -10.07
N ILE A 328 -12.81 -5.52 -9.58
CA ILE A 328 -11.69 -6.15 -10.27
C ILE A 328 -11.98 -7.64 -10.38
N ILE A 329 -12.67 -8.15 -9.36
CA ILE A 329 -13.14 -9.52 -9.35
C ILE A 329 -14.60 -9.54 -8.94
N LYS A 330 -15.39 -10.22 -9.75
CA LYS A 330 -16.82 -10.21 -9.60
C LYS A 330 -17.25 -11.66 -9.61
N ASP A 331 -17.80 -12.12 -8.50
CA ASP A 331 -18.33 -13.48 -8.39
C ASP A 331 -17.24 -14.48 -8.71
N GLY A 332 -16.02 -14.12 -8.36
CA GLY A 332 -14.88 -15.01 -8.47
C GLY A 332 -14.16 -14.87 -9.78
N ILE A 333 -14.74 -14.09 -10.68
CA ILE A 333 -14.24 -13.97 -12.05
C ILE A 333 -13.37 -12.74 -12.22
N LEU A 334 -12.22 -12.90 -12.85
CA LEU A 334 -11.34 -11.76 -13.12
C LEU A 334 -11.92 -11.01 -14.31
N THR A 335 -12.35 -9.78 -14.07
CA THR A 335 -12.96 -8.93 -15.09
C THR A 335 -12.04 -8.09 -15.99
N GLN A 336 -10.89 -7.67 -15.49
CA GLN A 336 -10.08 -6.73 -16.23
C GLN A 336 -8.63 -6.84 -15.84
N TRP A 337 -7.72 -6.49 -16.76
CA TRP A 337 -6.33 -6.23 -16.38
C TRP A 337 -6.21 -4.86 -15.68
N LEU A 338 -5.11 -4.67 -14.96
CA LEU A 338 -4.77 -3.34 -14.45
C LEU A 338 -3.77 -2.72 -15.44
N LEU A 339 -4.15 -1.61 -16.06
CA LEU A 339 -3.41 -1.04 -17.20
C LEU A 339 -2.93 0.39 -17.03
N THR A 340 -1.76 0.67 -17.60
CA THR A 340 -1.26 2.04 -17.73
C THR A 340 -1.42 2.43 -19.19
N SER A 341 -0.96 3.63 -19.56
CA SER A 341 -1.06 4.07 -20.95
C SER A 341 -0.28 3.13 -21.86
N TYR A 342 0.95 2.85 -21.46
CA TYR A 342 1.85 2.03 -22.26
C TYR A 342 1.31 0.60 -22.45
N SER A 343 1.03 -0.09 -21.34
CA SER A 343 0.53 -1.46 -21.41
C SER A 343 -0.86 -1.57 -22.06
N ALA A 344 -1.71 -0.55 -21.87
CA ALA A 344 -2.96 -0.49 -22.63
C ALA A 344 -2.65 -0.41 -24.13
N ARG A 345 -1.72 0.46 -24.53
CA ARG A 345 -1.41 0.61 -25.95
C ARG A 345 -0.79 -0.67 -26.54
N LYS A 346 0.02 -1.36 -25.75
CA LYS A 346 0.61 -2.62 -26.18
C LYS A 346 -0.46 -3.69 -26.35
N LEU A 347 -1.50 -3.62 -25.53
CA LEU A 347 -2.57 -4.61 -25.57
C LEU A 347 -3.76 -4.19 -26.42
N GLY A 348 -3.65 -3.02 -27.05
CA GLY A 348 -4.73 -2.51 -27.87
C GLY A 348 -5.95 -2.11 -27.06
N LEU A 349 -5.71 -1.58 -25.85
CA LEU A 349 -6.81 -1.13 -24.99
C LEU A 349 -6.61 0.32 -24.55
N LYS A 350 -7.49 0.81 -23.67
CA LYS A 350 -7.31 2.14 -23.04
C LYS A 350 -6.90 1.91 -21.59
N SER A 351 -6.10 2.84 -21.06
CA SER A 351 -5.62 2.73 -19.68
C SER A 351 -6.79 2.63 -18.73
N THR A 352 -6.62 1.85 -17.66
CA THR A 352 -7.64 1.70 -16.63
C THR A 352 -7.43 2.68 -15.46
N GLY A 353 -6.47 3.59 -15.60
CA GLY A 353 -6.15 4.52 -14.54
C GLY A 353 -5.38 3.86 -13.41
N HIS A 354 -4.57 2.86 -13.77
CA HIS A 354 -3.74 2.16 -12.79
C HIS A 354 -2.28 2.53 -12.65
N ALA A 355 -1.83 3.56 -13.36
CA ALA A 355 -0.44 3.95 -13.23
C ALA A 355 -0.18 4.29 -11.77
N GLY A 356 0.78 3.60 -11.17
CA GLY A 356 1.09 3.81 -9.77
C GLY A 356 0.34 2.95 -8.76
N GLY A 357 -0.36 1.91 -9.23
CA GLY A 357 -0.93 0.93 -8.34
C GLY A 357 -2.43 0.99 -8.13
N ILE A 358 -2.92 0.12 -7.25
CA ILE A 358 -4.35 0.05 -6.95
C ILE A 358 -4.81 1.09 -5.93
N HIS A 359 -6.07 1.50 -6.04
N HIS A 359 -6.06 1.51 -6.03
CA HIS A 359 -6.64 2.43 -5.08
CA HIS A 359 -6.59 2.44 -5.07
C HIS A 359 -7.80 1.84 -4.28
C HIS A 359 -7.79 1.90 -4.28
N ASN A 360 -7.57 1.52 -3.02
CA ASN A 360 -8.64 1.01 -2.13
C ASN A 360 -9.39 -0.28 -2.48
N TRP A 361 -8.79 -1.45 -2.27
CA TRP A 361 -9.55 -2.70 -2.38
C TRP A 361 -10.35 -3.11 -1.13
N ARG A 362 -11.60 -3.53 -1.37
CA ARG A 362 -12.51 -4.00 -0.33
C ARG A 362 -13.04 -5.42 -0.63
N ILE A 363 -12.88 -6.33 0.31
CA ILE A 363 -13.50 -7.64 0.22
C ILE A 363 -14.45 -7.89 1.39
N ALA A 364 -15.74 -8.04 1.07
CA ALA A 364 -16.76 -8.28 2.09
C ALA A 364 -16.53 -9.60 2.85
N GLY A 365 -16.85 -9.61 4.13
CA GLY A 365 -16.81 -10.84 4.90
C GLY A 365 -18.05 -11.68 4.67
N GLN A 366 -17.96 -12.96 5.00
CA GLN A 366 -19.06 -13.92 4.83
C GLN A 366 -19.99 -13.98 6.04
N GLY A 367 -19.77 -13.09 7.01
CA GLY A 367 -20.66 -13.02 8.16
C GLY A 367 -20.18 -13.64 9.45
N LEU A 368 -18.89 -13.91 9.57
CA LEU A 368 -18.36 -14.47 10.81
C LEU A 368 -17.15 -13.74 11.37
N SER A 369 -16.97 -13.88 12.68
CA SER A 369 -15.81 -13.30 13.33
C SER A 369 -14.65 -14.24 13.19
N PHE A 370 -13.50 -13.79 13.68
CA PHE A 370 -12.29 -14.59 13.67
C PHE A 370 -12.51 -15.79 14.58
N GLU A 371 -13.13 -15.53 15.73
CA GLU A 371 -13.43 -16.57 16.71
C GLU A 371 -14.40 -17.59 16.13
N GLN A 372 -15.30 -17.14 15.26
CA GLN A 372 -16.23 -18.08 14.66
C GLN A 372 -15.55 -18.97 13.64
N LEU A 374 -12.36 -19.96 13.92
CA LEU A 374 -11.59 -20.94 14.68
C LEU A 374 -12.49 -22.10 15.08
N LYS A 375 -13.72 -21.77 15.48
CA LYS A 375 -14.69 -22.75 15.88
C LYS A 375 -15.02 -23.59 14.66
N GLU A 376 -15.16 -22.89 13.53
CA GLU A 376 -15.47 -23.49 12.25
C GLU A 376 -14.42 -24.53 11.82
N GLY A 378 -11.69 -25.62 13.64
CA GLY A 378 -11.73 -26.42 14.85
C GLY A 378 -10.42 -27.09 15.18
N THR A 379 -9.64 -27.43 14.16
CA THR A 379 -8.24 -27.77 14.33
C THR A 379 -7.47 -27.30 13.11
N GLY A 380 -6.37 -26.59 13.29
CA GLY A 380 -5.59 -26.15 12.16
C GLY A 380 -4.63 -25.03 12.51
N LEU A 381 -4.00 -24.46 11.48
CA LEU A 381 -3.00 -23.45 11.70
C LEU A 381 -3.56 -22.07 11.41
N VAL A 382 -3.21 -21.11 12.26
CA VAL A 382 -3.45 -19.73 11.96
C VAL A 382 -2.11 -19.08 11.72
N VAL A 383 -1.95 -18.49 10.53
CA VAL A 383 -0.72 -17.82 10.16
C VAL A 383 -0.89 -16.35 10.46
N THR A 384 -0.16 -15.86 11.46
CA THR A 384 -0.16 -14.42 11.73
C THR A 384 0.96 -13.61 11.07
N GLU A 385 1.99 -14.28 10.57
CA GLU A 385 3.09 -13.60 9.89
C GLU A 385 3.87 -14.47 8.90
N LEU A 386 4.35 -13.85 7.83
CA LEU A 386 5.05 -14.57 6.77
C LEU A 386 6.42 -13.95 6.50
N GLY A 388 9.93 -13.72 3.72
CA GLY A 388 10.58 -13.95 2.44
C GLY A 388 9.69 -13.86 1.21
N GLN A 389 10.30 -13.89 0.04
CA GLN A 389 9.55 -13.99 -1.18
C GLN A 389 9.76 -15.38 -1.73
N GLY A 390 8.70 -16.17 -1.74
CA GLY A 390 8.70 -17.45 -2.41
C GLY A 390 7.65 -17.44 -3.49
N VAL A 391 7.15 -16.26 -3.82
CA VAL A 391 5.98 -16.18 -4.68
C VAL A 391 6.34 -15.79 -6.11
N SER A 392 6.16 -16.72 -7.03
CA SER A 392 6.51 -16.50 -8.44
C SER A 392 5.33 -16.01 -9.28
N ALA A 393 5.53 -14.90 -9.97
CA ALA A 393 4.47 -14.34 -10.80
C ALA A 393 4.33 -15.18 -12.06
N ILE A 394 5.45 -15.71 -12.53
CA ILE A 394 5.43 -16.54 -13.73
C ILE A 394 4.62 -17.81 -13.49
N THR A 395 5.00 -18.57 -12.46
CA THR A 395 4.37 -19.85 -12.22
C THR A 395 3.21 -19.88 -11.23
N GLY A 396 3.04 -18.79 -10.49
CA GLY A 396 2.11 -18.82 -9.36
C GLY A 396 2.57 -19.66 -8.18
N ASP A 397 3.79 -20.20 -8.25
CA ASP A 397 4.31 -20.98 -7.13
C ASP A 397 4.52 -20.15 -5.89
N TYR A 398 4.23 -20.75 -4.75
CA TYR A 398 4.19 -20.05 -3.48
C TYR A 398 4.90 -20.88 -2.41
N SER A 399 5.97 -20.33 -1.84
CA SER A 399 6.62 -20.94 -0.67
C SER A 399 7.03 -19.85 0.32
N ARG A 400 6.50 -19.87 1.55
CA ARG A 400 6.87 -18.82 2.49
C ARG A 400 6.96 -19.31 3.92
N GLY A 401 7.97 -18.82 4.63
CA GLY A 401 8.10 -19.06 6.06
C GLY A 401 6.90 -18.48 6.76
N ALA A 402 6.48 -19.11 7.83
CA ALA A 402 5.30 -18.64 8.55
C ALA A 402 5.45 -18.83 10.05
N ALA A 403 4.75 -17.98 10.79
CA ALA A 403 4.56 -18.16 12.23
C ALA A 403 3.12 -17.83 12.58
N GLY A 404 2.71 -18.18 13.80
CA GLY A 404 1.30 -18.15 14.12
C GLY A 404 0.92 -19.04 15.27
N PHE A 405 -0.34 -19.47 15.26
CA PHE A 405 -0.86 -20.29 16.33
C PHE A 405 -1.38 -21.63 15.85
N TRP A 406 -1.22 -22.65 16.70
CA TRP A 406 -1.88 -23.92 16.49
C TRP A 406 -3.22 -23.87 17.21
N VAL A 407 -4.26 -24.42 16.58
CA VAL A 407 -5.62 -24.39 17.10
C VAL A 407 -6.19 -25.80 17.22
N GLU A 408 -6.83 -26.10 18.36
CA GLU A 408 -7.58 -27.33 18.54
C GLU A 408 -8.86 -27.01 19.27
N ASN A 409 -9.92 -27.76 18.99
CA ASN A 409 -11.21 -27.57 19.65
C ASN A 409 -11.77 -26.15 19.53
N GLY A 410 -11.38 -25.47 18.45
CA GLY A 410 -11.87 -24.14 18.16
C GLY A 410 -11.17 -23.07 18.97
N GLU A 411 -10.09 -23.43 19.65
CA GLU A 411 -9.36 -22.53 20.55
C GLU A 411 -7.85 -22.59 20.30
N ILE A 412 -7.17 -21.45 20.31
CA ILE A 412 -5.73 -21.43 20.14
C ILE A 412 -4.99 -22.17 21.27
N GLN A 413 -4.15 -23.14 20.90
CA GLN A 413 -3.36 -23.86 21.90
C GLN A 413 -2.08 -23.16 22.35
N TYR A 414 -1.32 -22.64 21.39
CA TYR A 414 0.02 -22.13 21.65
C TYR A 414 0.64 -21.57 20.37
N PRO A 415 1.67 -20.71 20.49
CA PRO A 415 2.31 -20.17 19.30
C PRO A 415 3.21 -21.19 18.62
N VAL A 416 3.33 -21.09 17.30
CA VAL A 416 4.19 -21.99 16.56
C VAL A 416 5.00 -21.17 15.58
N SER A 417 6.07 -21.79 15.08
CA SER A 417 6.98 -21.11 14.19
C SER A 417 7.81 -22.14 13.44
N GLU A 418 8.74 -21.65 12.61
CA GLU A 418 9.52 -22.51 11.72
C GLU A 418 8.60 -23.36 10.86
N ILE A 419 7.58 -22.72 10.29
CA ILE A 419 6.65 -23.40 9.40
C ILE A 419 6.85 -22.91 7.98
N THR A 420 6.62 -23.78 7.02
CA THR A 420 6.60 -23.37 5.63
C THR A 420 5.23 -23.58 4.98
N ILE A 421 4.69 -22.50 4.44
CA ILE A 421 3.48 -22.56 3.65
C ILE A 421 3.84 -22.70 2.18
N ALA A 422 3.51 -23.85 1.59
CA ALA A 422 3.82 -24.11 0.17
C ALA A 422 2.62 -24.57 -0.65
N GLY A 423 2.39 -23.88 -1.77
CA GLY A 423 1.30 -24.20 -2.68
C GLY A 423 1.46 -23.54 -4.04
N ASN A 424 0.40 -23.54 -4.81
CA ASN A 424 0.29 -22.63 -5.93
C ASN A 424 -0.86 -21.64 -5.67
N LEU A 425 -0.61 -20.37 -5.96
CA LEU A 425 -1.61 -19.33 -5.81
C LEU A 425 -2.90 -19.64 -6.56
N LYS A 426 -2.81 -20.28 -7.72
CA LYS A 426 -4.03 -20.65 -8.46
C LYS A 426 -4.93 -21.54 -7.62
N ASP A 427 -4.34 -22.54 -6.99
CA ASP A 427 -5.09 -23.50 -6.21
C ASP A 427 -5.53 -22.85 -4.90
N TRP A 429 -6.06 -19.62 -4.12
CA TRP A 429 -7.11 -18.64 -4.37
C TRP A 429 -8.46 -19.30 -4.69
N ARG A 430 -8.46 -20.22 -5.65
CA ARG A 430 -9.69 -20.81 -6.17
C ARG A 430 -10.50 -21.51 -5.08
N ASN A 431 -9.78 -22.19 -4.19
CA ASN A 431 -10.36 -23.01 -3.12
C ASN A 431 -10.57 -22.40 -1.72
N ILE A 432 -10.38 -21.09 -1.60
CA ILE A 432 -10.64 -20.40 -0.33
C ILE A 432 -12.02 -20.77 0.24
N VAL A 433 -12.04 -21.15 1.51
CA VAL A 433 -13.28 -21.66 2.11
C VAL A 433 -14.23 -20.53 2.51
N THR A 434 -13.65 -19.46 3.02
CA THR A 434 -14.42 -18.33 3.46
C THR A 434 -13.46 -17.22 3.87
N VAL A 435 -14.01 -16.01 3.98
CA VAL A 435 -13.24 -14.89 4.48
C VAL A 435 -14.04 -14.21 5.60
N GLY A 436 -13.34 -13.81 6.65
CA GLY A 436 -14.01 -13.31 7.84
C GLY A 436 -14.49 -11.86 7.76
N ASN A 437 -15.17 -11.44 8.82
CA ASN A 437 -15.55 -10.06 8.99
C ASN A 437 -14.60 -9.26 9.87
N ASP A 438 -13.48 -9.85 10.29
CA ASP A 438 -12.61 -9.06 11.12
C ASP A 438 -11.63 -8.36 10.18
N ILE A 439 -11.92 -7.10 9.90
CA ILE A 439 -11.37 -6.47 8.71
C ILE A 439 -10.15 -5.66 9.06
N GLU A 440 -9.08 -5.87 8.34
CA GLU A 440 -7.91 -5.08 8.59
C GLU A 440 -8.16 -3.81 7.78
N THR A 441 -8.30 -2.69 8.50
CA THR A 441 -8.65 -1.41 7.88
C THR A 441 -7.47 -0.47 7.66
N ARG A 442 -6.27 -0.88 8.06
CA ARG A 442 -5.10 0.02 8.00
C ARG A 442 -4.28 -0.06 6.70
N SER A 443 -4.76 -0.85 5.74
CA SER A 443 -3.98 -1.13 4.54
C SER A 443 -4.72 -0.72 3.26
N ASN A 444 -4.01 -0.62 2.15
CA ASN A 444 -4.64 -0.44 0.84
C ASN A 444 -5.74 -1.48 0.61
N ILE A 445 -5.38 -2.75 0.74
CA ILE A 445 -6.35 -3.82 0.54
C ILE A 445 -6.96 -4.16 1.88
N GLN A 446 -8.29 -4.20 1.92
CA GLN A 446 -8.94 -4.45 3.20
C GLN A 446 -9.86 -5.68 3.20
N CYS A 447 -9.53 -6.66 4.03
CA CYS A 447 -10.38 -7.85 4.17
C CYS A 447 -10.16 -8.47 5.52
N GLY A 448 -10.90 -9.54 5.79
CA GLY A 448 -10.79 -10.27 7.03
C GLY A 448 -9.90 -11.48 6.88
N SER A 449 -9.85 -12.30 7.92
CA SER A 449 -9.14 -13.57 7.84
C SER A 449 -9.74 -14.52 6.77
N VAL A 450 -8.87 -15.29 6.12
CA VAL A 450 -9.33 -16.26 5.15
C VAL A 450 -8.98 -17.70 5.54
N LEU A 451 -9.93 -18.60 5.32
CA LEU A 451 -9.77 -19.99 5.64
C LEU A 451 -9.44 -20.76 4.36
N LEU A 452 -8.23 -21.33 4.31
CA LEU A 452 -7.83 -22.22 3.23
C LEU A 452 -8.12 -23.70 3.51
N PRO A 453 -8.35 -24.47 2.46
CA PRO A 453 -8.56 -25.90 2.66
C PRO A 453 -7.29 -26.61 3.17
N GLU A 454 -7.48 -27.82 3.66
CA GLU A 454 -6.40 -28.62 4.22
C GLU A 454 -5.21 -28.69 3.27
N LYS A 456 -0.49 -28.99 3.20
CA LYS A 456 0.72 -29.48 3.83
C LYS A 456 1.47 -28.34 4.48
N ILE A 457 1.80 -28.49 5.76
CA ILE A 457 2.45 -27.42 6.50
C ILE A 457 3.62 -27.94 7.32
#